data_3LC0
#
_entry.id   3LC0
#
_cell.length_a   90.030
_cell.length_b   118.840
_cell.length_c   65.980
_cell.angle_alpha   90.00
_cell.angle_beta   132.57
_cell.angle_gamma   90.00
#
_symmetry.space_group_name_H-M   'C 1 2 1'
#
loop_
_entity.id
_entity.type
_entity.pdbx_description
1 polymer 'Histidyl-tRNA synthetase'
2 non-polymer HISTIDINE
3 water water
#
_entity_poly.entity_id   1
_entity_poly.type   'polypeptide(L)'
_entity_poly.pdbx_seq_one_letter_code
;MAHHHHHHMGTLEAQTQGPGSMQKNMVETEPVQGCRDFPPEAMRCRRHLFDVFHATAKTFGFEEYDAPVLESEELYIRKA
GEEITEQMFNFITKGGHRVALRPEMTPSLARLLLGKGRSLLLPAKWYSIPQCWRYEAITRGRRREHYQWNMDIVGVKSVS
AEVELVCAACWAMRSLGLSSKDVGIKVNSRKVLQTVVEQAGVTSDKFAPVCVIVDKMEKIPREEVEAQLAVLGLEPTVVD
AITTTLSLKSIDEIAQRVGEEHEAVKELRQFFEQVEAYGYGDWVLFDASVVRGLAYYTGIVFEGFDREGKFRALCGGGRY
DNLLTTYGSPTPIPCAGFGFGDCVIVELLQEKRLLPDIPHVVDDVVIPFDESMRPHALAVLRRLRDAGRSADIILDKKKV
VQAFNYADRVGAVRAVLVAPEEWERGEVQVKMLREGTGKEEGGAERGFAVPLDRLV
;
_entity_poly.pdbx_strand_id   A
#
# COMPACT_ATOMS: atom_id res chain seq x y z
N ASN A 25 -10.67 38.63 -7.21
CA ASN A 25 -9.84 37.62 -6.49
C ASN A 25 -9.85 36.24 -7.17
N MET A 26 -8.87 35.41 -6.82
CA MET A 26 -8.80 34.03 -7.26
C MET A 26 -9.50 33.10 -6.26
N VAL A 27 -10.07 32.02 -6.77
CA VAL A 27 -10.56 30.92 -5.92
C VAL A 27 -9.35 30.36 -5.13
N GLU A 28 -9.60 29.69 -4.02
CA GLU A 28 -8.53 29.05 -3.27
C GLU A 28 -7.95 27.90 -4.11
N THR A 29 -6.67 27.99 -4.44
CA THR A 29 -6.01 26.98 -5.30
C THR A 29 -5.40 25.82 -4.53
N GLU A 30 -5.14 26.04 -3.24
CA GLU A 30 -4.69 24.94 -2.38
C GLU A 30 -5.83 23.97 -2.12
N PRO A 31 -5.53 22.68 -1.94
CA PRO A 31 -6.59 21.73 -1.62
C PRO A 31 -7.00 21.85 -0.16
N VAL A 32 -8.06 21.13 0.21
CA VAL A 32 -8.50 21.02 1.62
C VAL A 32 -7.32 20.62 2.53
N GLN A 33 -7.29 21.20 3.72
CA GLN A 33 -6.12 21.19 4.61
C GLN A 33 -5.10 20.03 4.48
N GLY A 34 -5.47 18.82 4.90
CA GLY A 34 -4.47 17.75 4.97
C GLY A 34 -4.39 16.86 3.74
N CYS A 35 -4.85 17.38 2.60
CA CYS A 35 -5.06 16.53 1.41
C CYS A 35 -4.18 16.88 0.20
N ARG A 36 -3.85 15.87 -0.61
CA ARG A 36 -2.93 16.06 -1.72
C ARG A 36 -3.64 16.14 -3.08
N ASP A 37 -3.12 17.05 -3.90
CA ASP A 37 -3.47 17.11 -5.32
C ASP A 37 -2.50 16.24 -6.09
N PHE A 38 -2.96 15.65 -7.19
CA PHE A 38 -2.09 14.87 -8.06
C PHE A 38 -2.18 15.34 -9.50
N PRO A 39 -1.54 16.47 -9.82
CA PRO A 39 -1.45 16.84 -11.24
C PRO A 39 -0.58 15.81 -11.97
N PRO A 40 -0.49 15.90 -13.32
CA PRO A 40 0.09 14.76 -14.06
C PRO A 40 1.44 14.26 -13.57
N GLU A 41 2.37 15.20 -13.29
CA GLU A 41 3.67 14.91 -12.76
CA GLU A 41 3.68 14.79 -12.80
C GLU A 41 3.60 13.98 -11.52
N ALA A 42 2.87 14.44 -10.51
CA ALA A 42 2.69 13.69 -9.26
C ALA A 42 1.90 12.41 -9.47
N MET A 43 0.94 12.46 -10.39
CA MET A 43 0.14 11.25 -10.72
C MET A 43 0.98 10.10 -11.33
N ARG A 44 1.96 10.44 -12.17
CA ARG A 44 2.88 9.43 -12.72
C ARG A 44 3.63 8.70 -11.62
N CYS A 45 4.11 9.44 -10.62
CA CYS A 45 4.76 8.84 -9.48
CA CYS A 45 4.75 8.85 -9.45
C CYS A 45 3.82 7.88 -8.74
N ARG A 46 2.59 8.33 -8.45
CA ARG A 46 1.62 7.48 -7.81
C ARG A 46 1.29 6.25 -8.66
N ARG A 47 1.21 6.43 -9.98
CA ARG A 47 0.87 5.30 -10.87
C ARG A 47 1.99 4.29 -10.91
N HIS A 48 3.20 4.79 -10.86
CA HIS A 48 4.40 3.94 -10.84
C HIS A 48 4.34 3.04 -9.62
N LEU A 49 4.00 3.62 -8.48
N LEU A 49 3.99 3.62 -8.48
CA LEU A 49 3.87 2.87 -7.24
CA LEU A 49 3.86 2.89 -7.23
C LEU A 49 2.68 1.90 -7.32
C LEU A 49 2.69 1.91 -7.31
N PHE A 50 1.52 2.40 -7.73
CA PHE A 50 0.31 1.56 -7.76
C PHE A 50 0.47 0.41 -8.77
N ASP A 51 1.16 0.67 -9.87
CA ASP A 51 1.39 -0.39 -10.87
C ASP A 51 2.12 -1.56 -10.22
N VAL A 52 3.09 -1.25 -9.37
CA VAL A 52 3.81 -2.29 -8.63
C VAL A 52 2.90 -3.04 -7.66
N PHE A 53 2.04 -2.31 -6.93
CA PHE A 53 1.10 -2.97 -6.04
C PHE A 53 0.18 -3.93 -6.82
N HIS A 54 -0.40 -3.48 -7.93
CA HIS A 54 -1.26 -4.36 -8.73
C HIS A 54 -0.46 -5.56 -9.27
N ALA A 55 0.75 -5.28 -9.73
CA ALA A 55 1.55 -6.33 -10.41
C ALA A 55 1.97 -7.40 -9.40
N THR A 56 2.33 -6.95 -8.20
CA THR A 56 2.74 -7.89 -7.14
C THR A 56 1.54 -8.74 -6.69
N ALA A 57 0.38 -8.09 -6.48
CA ALA A 57 -0.86 -8.83 -6.16
C ALA A 57 -1.16 -9.91 -7.18
N LYS A 58 -1.04 -9.56 -8.46
CA LYS A 58 -1.29 -10.49 -9.54
C LYS A 58 -0.29 -11.65 -9.51
N THR A 59 0.97 -11.30 -9.36
CA THR A 59 2.04 -12.30 -9.25
C THR A 59 1.76 -13.30 -8.12
N PHE A 60 1.22 -12.81 -7.02
CA PHE A 60 0.96 -13.63 -5.84
C PHE A 60 -0.46 -14.25 -5.79
N GLY A 61 -1.26 -14.03 -6.82
CA GLY A 61 -2.57 -14.68 -6.87
C GLY A 61 -3.68 -14.02 -6.07
N PHE A 62 -3.54 -12.73 -5.75
CA PHE A 62 -4.54 -11.97 -4.95
C PHE A 62 -5.57 -11.32 -5.91
N GLU A 63 -6.82 -11.16 -5.44
CA GLU A 63 -7.90 -10.62 -6.23
C GLU A 63 -8.30 -9.28 -5.66
N GLU A 64 -8.54 -8.34 -6.56
CA GLU A 64 -8.86 -6.95 -6.18
C GLU A 64 -10.28 -6.80 -5.64
N TYR A 65 -10.44 -5.95 -4.64
CA TYR A 65 -11.79 -5.55 -4.22
C TYR A 65 -11.77 -4.09 -3.84
N ASP A 66 -12.96 -3.58 -3.51
CA ASP A 66 -13.11 -2.21 -3.04
C ASP A 66 -14.37 -2.08 -2.21
N ALA A 67 -14.47 -0.99 -1.46
CA ALA A 67 -15.66 -0.72 -0.66
C ALA A 67 -15.76 0.81 -0.51
N PRO A 68 -16.87 1.33 0.04
CA PRO A 68 -16.97 2.80 0.05
C PRO A 68 -16.06 3.45 1.06
N VAL A 69 -15.51 4.60 0.71
CA VAL A 69 -14.65 5.34 1.62
C VAL A 69 -15.44 5.80 2.86
N LEU A 70 -16.75 5.96 2.69
CA LEU A 70 -17.68 6.26 3.78
C LEU A 70 -18.23 4.97 4.42
N GLU A 71 -17.93 4.79 5.72
CA GLU A 71 -18.43 3.63 6.51
C GLU A 71 -19.14 4.07 7.78
N SER A 72 -20.01 3.20 8.31
CA SER A 72 -20.62 3.45 9.61
C SER A 72 -19.55 3.57 10.69
N GLU A 73 -19.67 4.58 11.53
CA GLU A 73 -18.66 4.85 12.56
C GLU A 73 -18.57 3.68 13.53
N GLU A 74 -19.68 2.94 13.65
CA GLU A 74 -19.80 1.81 14.58
C GLU A 74 -18.80 0.71 14.25
N LEU A 75 -18.43 0.62 12.98
CA LEU A 75 -17.46 -0.36 12.52
C LEU A 75 -16.12 -0.22 13.25
N TYR A 76 -15.78 0.99 13.70
CA TYR A 76 -14.45 1.29 14.27
C TYR A 76 -14.41 1.49 15.79
N ILE A 77 -15.40 0.99 16.51
CA ILE A 77 -15.41 1.13 17.97
C ILE A 77 -14.69 -0.06 18.60
N ARG A 78 -13.46 0.16 19.09
CA ARG A 78 -12.69 -0.95 19.65
C ARG A 78 -12.28 -0.83 21.12
N LYS A 79 -12.29 0.40 21.65
CA LYS A 79 -12.11 0.63 23.09
C LYS A 79 -10.73 0.18 23.63
N ALA A 80 -9.70 0.35 22.80
CA ALA A 80 -8.35 -0.07 23.17
C ALA A 80 -7.31 1.07 23.18
N GLY A 81 -7.78 2.31 23.01
CA GLY A 81 -6.90 3.49 22.98
C GLY A 81 -6.00 3.56 21.74
N GLU A 82 -6.41 2.94 20.64
CA GLU A 82 -5.64 2.91 19.39
C GLU A 82 -5.59 4.30 18.76
N GLU A 83 -4.41 4.67 18.23
CA GLU A 83 -4.26 5.96 17.53
C GLU A 83 -5.20 6.03 16.33
N ILE A 84 -5.30 4.91 15.60
CA ILE A 84 -6.12 4.80 14.37
C ILE A 84 -7.59 5.17 14.56
N THR A 85 -8.17 4.78 15.70
CA THR A 85 -9.59 5.00 15.99
C THR A 85 -9.82 6.36 16.65
N GLU A 86 -8.86 6.77 17.49
CA GLU A 86 -8.87 8.11 18.13
C GLU A 86 -8.85 9.25 17.11
N GLN A 87 -8.12 9.06 16.02
CA GLN A 87 -7.92 10.09 15.00
C GLN A 87 -8.89 9.95 13.82
N MET A 88 -10.14 9.63 14.13
CA MET A 88 -11.17 9.37 13.12
C MET A 88 -11.71 10.64 12.50
N PHE A 89 -11.75 10.66 11.16
CA PHE A 89 -12.36 11.74 10.40
C PHE A 89 -13.86 11.43 10.31
N ASN A 90 -14.61 11.72 11.36
CA ASN A 90 -16.01 11.36 11.34
C ASN A 90 -16.93 12.57 11.20
N PHE A 91 -18.18 12.31 10.86
CA PHE A 91 -19.23 13.33 10.85
C PHE A 91 -20.60 12.68 10.85
N ILE A 92 -21.63 13.48 11.11
CA ILE A 92 -23.01 13.01 11.03
C ILE A 92 -23.60 13.47 9.69
N THR A 93 -24.32 12.57 9.03
CA THR A 93 -24.98 12.92 7.77
C THR A 93 -26.17 13.85 8.00
N LYS A 94 -27.24 13.29 8.59
CA LYS A 94 -28.60 13.86 8.66
C LYS A 94 -29.51 12.64 8.64
N GLY A 95 -30.01 12.33 7.44
CA GLY A 95 -30.70 11.07 7.15
C GLY A 95 -29.69 9.99 6.81
N GLY A 96 -29.43 9.12 7.78
CA GLY A 96 -28.44 8.06 7.66
C GLY A 96 -28.00 7.65 9.05
N HIS A 97 -26.76 8.01 9.40
CA HIS A 97 -26.24 7.80 10.76
C HIS A 97 -24.93 8.58 11.00
N ARG A 98 -24.20 8.20 12.05
CA ARG A 98 -22.84 8.68 12.29
C ARG A 98 -21.90 7.88 11.39
N VAL A 99 -21.20 8.59 10.50
CA VAL A 99 -20.31 7.94 9.54
C VAL A 99 -18.87 8.46 9.67
N ALA A 100 -17.95 7.76 9.03
CA ALA A 100 -16.55 8.18 9.02
C ALA A 100 -15.96 7.94 7.66
N LEU A 101 -15.04 8.81 7.25
CA LEU A 101 -14.12 8.47 6.16
C LEU A 101 -13.17 7.42 6.77
N ARG A 102 -13.09 6.25 6.13
CA ARG A 102 -12.38 5.10 6.71
C ARG A 102 -10.96 5.45 7.13
N PRO A 103 -10.57 5.09 8.37
CA PRO A 103 -9.20 5.31 8.79
C PRO A 103 -8.31 4.16 8.40
N GLU A 104 -8.93 3.03 8.03
CA GLU A 104 -8.24 1.79 7.61
C GLU A 104 -9.22 0.91 6.82
N MET A 105 -8.73 -0.17 6.23
CA MET A 105 -9.58 -0.97 5.34
C MET A 105 -10.09 -2.25 5.98
N THR A 106 -9.36 -2.72 6.99
CA THR A 106 -9.62 -4.07 7.52
C THR A 106 -11.06 -4.29 7.99
N PRO A 107 -11.65 -3.30 8.72
CA PRO A 107 -13.05 -3.48 9.10
C PRO A 107 -14.00 -3.64 7.88
N SER A 108 -13.76 -2.88 6.82
CA SER A 108 -14.52 -2.96 5.56
C SER A 108 -14.37 -4.35 4.90
N LEU A 109 -13.14 -4.84 4.86
CA LEU A 109 -12.86 -6.20 4.39
C LEU A 109 -13.66 -7.22 5.19
N ALA A 110 -13.59 -7.15 6.52
CA ALA A 110 -14.35 -8.09 7.34
C ALA A 110 -15.87 -8.00 7.06
N ARG A 111 -16.39 -6.78 6.87
CA ARG A 111 -17.81 -6.57 6.52
C ARG A 111 -18.17 -7.27 5.21
N LEU A 112 -17.32 -7.09 4.21
CA LEU A 112 -17.54 -7.74 2.92
C LEU A 112 -17.48 -9.26 3.03
N LEU A 113 -16.52 -9.76 3.80
CA LEU A 113 -16.37 -11.21 4.00
C LEU A 113 -17.61 -11.82 4.63
N LEU A 114 -18.11 -11.19 5.69
CA LEU A 114 -19.34 -11.62 6.33
C LEU A 114 -20.56 -11.48 5.44
N GLY A 115 -20.60 -10.41 4.62
CA GLY A 115 -21.75 -10.13 3.75
C GLY A 115 -21.82 -11.12 2.61
N LYS A 116 -20.64 -11.56 2.17
CA LYS A 116 -20.52 -12.73 1.34
C LYS A 116 -21.05 -13.84 2.22
N GLY A 117 -21.85 -14.72 1.67
CA GLY A 117 -22.51 -15.70 2.53
C GLY A 117 -21.61 -16.90 2.79
N ARG A 118 -22.27 -18.06 2.81
CA ARG A 118 -21.60 -19.34 2.72
C ARG A 118 -20.89 -19.44 1.36
N SER A 119 -21.25 -18.52 0.45
CA SER A 119 -20.66 -18.43 -0.88
C SER A 119 -19.20 -17.92 -0.91
N LEU A 120 -18.67 -17.53 0.26
CA LEU A 120 -17.26 -17.17 0.34
C LEU A 120 -16.41 -18.44 0.32
N LEU A 121 -15.59 -18.58 -0.71
CA LEU A 121 -14.72 -19.74 -0.81
C LEU A 121 -13.35 -19.45 -0.21
N LEU A 122 -12.90 -20.38 0.64
CA LEU A 122 -11.66 -20.23 1.39
C LEU A 122 -10.65 -21.31 0.97
N PRO A 123 -9.34 -20.98 0.98
CA PRO A 123 -8.80 -19.66 1.35
C PRO A 123 -9.07 -18.57 0.31
N ALA A 124 -9.15 -17.31 0.77
CA ALA A 124 -9.33 -16.20 -0.14
C ALA A 124 -8.16 -15.27 0.04
N LYS A 125 -7.70 -14.67 -1.06
CA LYS A 125 -6.56 -13.75 -1.00
C LYS A 125 -6.99 -12.47 -1.70
N TRP A 126 -7.30 -11.42 -0.93
CA TRP A 126 -7.92 -10.22 -1.51
C TRP A 126 -7.01 -9.00 -1.25
N TYR A 127 -6.97 -8.08 -2.21
CA TYR A 127 -6.20 -6.85 -2.07
C TYR A 127 -6.98 -5.65 -2.53
N SER A 128 -6.55 -4.47 -2.07
CA SER A 128 -7.18 -3.21 -2.45
CA SER A 128 -7.19 -3.21 -2.43
C SER A 128 -6.13 -2.12 -2.28
N ILE A 129 -6.37 -0.96 -2.88
CA ILE A 129 -5.47 0.18 -2.69
C ILE A 129 -6.32 1.40 -2.27
N PRO A 130 -6.98 1.34 -1.09
CA PRO A 130 -7.89 2.42 -0.67
C PRO A 130 -7.17 3.67 -0.20
N GLN A 131 -7.76 4.83 -0.46
CA GLN A 131 -7.43 6.03 0.29
C GLN A 131 -8.06 5.89 1.69
N CYS A 132 -7.25 6.18 2.70
CA CYS A 132 -7.69 6.19 4.10
C CYS A 132 -7.47 7.57 4.71
N TRP A 133 -8.23 7.88 5.77
CA TRP A 133 -8.34 9.24 6.27
C TRP A 133 -8.09 9.31 7.77
N ARG A 134 -7.50 10.41 8.21
CA ARG A 134 -7.39 10.69 9.65
C ARG A 134 -7.67 12.17 9.91
N TYR A 135 -7.91 12.50 11.18
CA TYR A 135 -8.10 13.88 11.58
C TYR A 135 -7.36 14.15 12.86
N GLU A 136 -6.63 15.27 12.87
CA GLU A 136 -5.99 15.81 14.07
C GLU A 136 -6.21 17.32 14.11
N ALA A 137 -6.22 17.90 15.31
CA ALA A 137 -6.43 19.33 15.52
C ALA A 137 -5.22 20.18 15.10
N ARG A 143 -1.20 15.66 7.63
CA ARG A 143 -1.59 14.72 6.58
C ARG A 143 -2.88 13.98 6.98
N ARG A 144 -3.99 14.28 6.31
CA ARG A 144 -5.28 13.69 6.69
C ARG A 144 -5.72 12.54 5.77
N GLU A 145 -4.91 12.25 4.78
CA GLU A 145 -5.27 11.39 3.65
C GLU A 145 -4.03 10.60 3.25
N HIS A 146 -4.12 9.27 3.13
CA HIS A 146 -3.07 8.49 2.44
C HIS A 146 -3.65 7.28 1.73
N TYR A 147 -2.98 6.84 0.67
CA TYR A 147 -3.34 5.57 0.03
C TYR A 147 -2.58 4.45 0.72
N GLN A 148 -3.22 3.30 0.82
CA GLN A 148 -2.63 2.18 1.51
C GLN A 148 -2.96 0.90 0.80
N TRP A 149 -1.93 0.28 0.26
CA TRP A 149 -2.09 -1.06 -0.31
C TRP A 149 -2.43 -2.01 0.82
N ASN A 150 -3.52 -2.76 0.68
CA ASN A 150 -3.91 -3.78 1.65
C ASN A 150 -3.90 -5.14 0.99
N MET A 151 -3.33 -6.12 1.69
CA MET A 151 -3.24 -7.50 1.20
C MET A 151 -3.66 -8.37 2.36
N ASP A 152 -4.61 -9.27 2.14
CA ASP A 152 -5.08 -10.09 3.24
C ASP A 152 -5.38 -11.48 2.74
N ILE A 153 -5.04 -12.44 3.58
CA ILE A 153 -5.31 -13.84 3.34
C ILE A 153 -6.29 -14.34 4.38
N VAL A 154 -7.38 -14.95 3.91
CA VAL A 154 -8.50 -15.33 4.76
C VAL A 154 -8.74 -16.83 4.68
N GLY A 155 -8.81 -17.44 5.86
CA GLY A 155 -9.18 -18.86 5.98
C GLY A 155 -7.97 -19.77 6.11
N VAL A 156 -6.78 -19.18 6.36
CA VAL A 156 -5.56 -19.96 6.47
C VAL A 156 -5.05 -19.85 7.92
N LYS A 157 -5.03 -20.99 8.62
CA LYS A 157 -4.57 -21.05 10.00
C LYS A 157 -3.06 -20.96 10.14
N SER A 158 -2.32 -21.56 9.20
CA SER A 158 -0.88 -21.74 9.39
C SER A 158 -0.08 -20.51 9.00
N VAL A 159 1.16 -20.46 9.45
CA VAL A 159 2.07 -19.32 9.23
C VAL A 159 2.45 -19.11 7.78
N SER A 160 2.07 -20.04 6.92
CA SER A 160 2.26 -19.87 5.50
C SER A 160 1.52 -18.64 4.95
N ALA A 161 0.47 -18.21 5.63
CA ALA A 161 -0.21 -16.95 5.24
C ALA A 161 0.76 -15.76 5.42
N GLU A 162 1.27 -15.62 6.64
CA GLU A 162 2.24 -14.55 6.96
C GLU A 162 3.49 -14.60 6.11
N VAL A 163 3.96 -15.81 5.82
CA VAL A 163 5.10 -16.01 4.92
C VAL A 163 4.82 -15.38 3.54
N GLU A 164 3.69 -15.77 2.96
CA GLU A 164 3.29 -15.24 1.65
C GLU A 164 3.12 -13.71 1.70
N LEU A 165 2.52 -13.20 2.76
CA LEU A 165 2.31 -11.76 2.85
C LEU A 165 3.63 -11.00 2.96
N VAL A 166 4.54 -11.46 3.82
CA VAL A 166 5.86 -10.80 3.95
C VAL A 166 6.66 -10.89 2.63
N CYS A 167 6.62 -12.05 1.97
CA CYS A 167 7.24 -12.19 0.66
C CYS A 167 6.64 -11.22 -0.36
N ALA A 168 5.33 -11.00 -0.30
CA ALA A 168 4.71 -10.02 -1.23
C ALA A 168 5.21 -8.62 -0.96
N ALA A 169 5.31 -8.21 0.30
CA ALA A 169 5.84 -6.90 0.64
C ALA A 169 7.29 -6.77 0.16
N CYS A 170 8.10 -7.82 0.33
CA CYS A 170 9.48 -7.79 -0.15
C CYS A 170 9.54 -7.70 -1.68
N TRP A 171 8.69 -8.46 -2.36
CA TRP A 171 8.63 -8.47 -3.83
CA TRP A 171 8.68 -8.45 -3.83
C TRP A 171 8.27 -7.09 -4.38
N ALA A 172 7.34 -6.41 -3.70
CA ALA A 172 6.93 -5.09 -4.14
C ALA A 172 8.11 -4.14 -3.97
N MET A 173 8.81 -4.20 -2.84
CA MET A 173 9.95 -3.26 -2.64
C MET A 173 11.08 -3.52 -3.64
N ARG A 174 11.36 -4.82 -3.89
CA ARG A 174 12.33 -5.22 -4.89
C ARG A 174 11.94 -4.70 -6.30
N SER A 175 10.64 -4.78 -6.62
CA SER A 175 10.11 -4.30 -7.91
C SER A 175 10.33 -2.80 -8.03
N LEU A 176 10.35 -2.11 -6.91
CA LEU A 176 10.57 -0.67 -6.91
C LEU A 176 12.04 -0.30 -6.95
N GLY A 177 12.92 -1.30 -6.92
CA GLY A 177 14.37 -1.05 -7.02
C GLY A 177 15.13 -1.12 -5.69
N LEU A 178 14.43 -1.42 -4.60
CA LEU A 178 15.07 -1.58 -3.28
C LEU A 178 15.65 -2.97 -3.14
N SER A 179 16.65 -3.13 -2.27
CA SER A 179 17.17 -4.47 -1.99
C SER A 179 17.19 -4.70 -0.48
N SER A 180 17.59 -5.89 -0.05
CA SER A 180 17.67 -6.18 1.38
C SER A 180 18.75 -5.35 2.09
N LYS A 181 19.62 -4.70 1.32
CA LYS A 181 20.58 -3.74 1.88
C LYS A 181 19.88 -2.45 2.30
N ASP A 182 18.74 -2.15 1.66
CA ASP A 182 18.01 -0.91 1.90
C ASP A 182 16.97 -1.06 3.00
N VAL A 183 16.29 -2.20 2.99
CA VAL A 183 15.10 -2.38 3.81
C VAL A 183 15.09 -3.76 4.45
N GLY A 184 14.31 -3.88 5.52
CA GLY A 184 14.08 -5.18 6.14
C GLY A 184 12.66 -5.29 6.63
N ILE A 185 12.26 -6.50 6.99
CA ILE A 185 10.97 -6.70 7.66
C ILE A 185 11.25 -7.37 9.02
N LYS A 186 10.81 -6.73 10.09
CA LYS A 186 10.97 -7.21 11.47
C LYS A 186 9.72 -7.96 11.87
N VAL A 187 9.90 -9.11 12.52
CA VAL A 187 8.80 -10.04 12.75
C VAL A 187 8.79 -10.46 14.23
N ASN A 188 7.60 -10.57 14.81
CA ASN A 188 7.43 -11.04 16.19
C ASN A 188 6.12 -11.78 16.23
N SER A 189 5.76 -12.34 17.39
CA SER A 189 4.43 -12.87 17.63
C SER A 189 3.88 -12.33 18.95
N ARG A 190 2.68 -11.80 18.89
CA ARG A 190 1.99 -11.34 20.11
C ARG A 190 1.70 -12.46 21.11
N LYS A 191 1.83 -13.71 20.69
CA LYS A 191 1.55 -14.83 21.57
C LYS A 191 2.56 -14.91 22.72
N VAL A 192 3.75 -14.35 22.50
CA VAL A 192 4.76 -14.26 23.58
C VAL A 192 4.24 -13.37 24.70
N LEU A 193 3.99 -12.09 24.39
CA LEU A 193 3.44 -11.14 25.36
C LEU A 193 2.10 -11.61 25.95
N GLN A 194 1.27 -12.26 25.13
CA GLN A 194 0.01 -12.83 25.61
C GLN A 194 0.21 -13.77 26.80
N THR A 195 1.18 -14.67 26.67
CA THR A 195 1.48 -15.63 27.74
C THR A 195 2.03 -14.95 29.00
N VAL A 196 2.99 -14.04 28.81
CA VAL A 196 3.60 -13.28 29.90
C VAL A 196 2.52 -12.54 30.70
N VAL A 197 1.58 -11.92 29.97
CA VAL A 197 0.44 -11.22 30.57
C VAL A 197 -0.52 -12.18 31.27
N GLU A 198 -0.77 -13.33 30.65
CA GLU A 198 -1.67 -14.35 31.20
C GLU A 198 -1.11 -14.96 32.49
N GLN A 199 0.16 -15.36 32.45
CA GLN A 199 0.84 -15.97 33.60
C GLN A 199 1.02 -15.00 34.77
N ALA A 200 1.01 -13.71 34.48
CA ALA A 200 1.15 -12.66 35.48
C ALA A 200 -0.16 -12.38 36.23
N GLY A 201 -1.25 -13.00 35.76
CA GLY A 201 -2.54 -12.89 36.41
C GLY A 201 -3.41 -11.73 35.95
N VAL A 202 -3.09 -11.16 34.79
CA VAL A 202 -3.86 -10.04 34.25
C VAL A 202 -5.00 -10.55 33.37
N THR A 203 -6.16 -9.89 33.49
CA THR A 203 -7.33 -10.18 32.66
C THR A 203 -7.01 -9.96 31.18
N SER A 204 -7.52 -10.82 30.32
CA SER A 204 -7.21 -10.75 28.89
C SER A 204 -7.76 -9.51 28.20
N ASP A 205 -8.77 -8.87 28.78
CA ASP A 205 -9.32 -7.63 28.21
C ASP A 205 -8.36 -6.42 28.29
N LYS A 206 -7.30 -6.53 29.08
CA LYS A 206 -6.23 -5.51 29.10
C LYS A 206 -5.07 -5.81 28.13
N PHE A 207 -5.09 -6.98 27.50
CA PHE A 207 -4.00 -7.37 26.61
C PHE A 207 -3.86 -6.43 25.42
N ALA A 208 -4.97 -6.16 24.74
CA ALA A 208 -4.95 -5.28 23.57
C ALA A 208 -4.47 -3.85 23.95
N PRO A 209 -5.07 -3.25 24.99
CA PRO A 209 -4.60 -1.93 25.42
C PRO A 209 -3.11 -1.92 25.81
N VAL A 210 -2.64 -3.01 26.41
CA VAL A 210 -1.22 -3.17 26.73
C VAL A 210 -0.39 -3.19 25.45
N CYS A 211 -0.81 -3.99 24.47
CA CYS A 211 -0.14 -4.02 23.17
C CYS A 211 -0.06 -2.62 22.58
N VAL A 212 -1.20 -1.92 22.60
CA VAL A 212 -1.29 -0.55 22.12
C VAL A 212 -0.29 0.42 22.79
N ILE A 213 -0.12 0.28 24.10
CA ILE A 213 0.78 1.14 24.85
C ILE A 213 2.24 0.77 24.57
N VAL A 214 2.50 -0.53 24.55
CA VAL A 214 3.84 -1.08 24.42
C VAL A 214 4.38 -0.86 23.01
N ASP A 215 3.46 -0.68 22.06
CA ASP A 215 3.77 -0.23 20.71
C ASP A 215 4.49 1.13 20.73
N LYS A 216 4.31 1.90 21.79
CA LYS A 216 4.86 3.26 21.84
C LYS A 216 6.34 3.33 22.27
N MET A 217 6.94 2.19 22.59
CA MET A 217 8.29 2.13 23.19
C MET A 217 9.38 2.95 22.48
N GLU A 218 9.47 2.82 21.16
CA GLU A 218 10.49 3.55 20.40
C GLU A 218 10.16 5.04 20.28
N LYS A 219 8.89 5.37 20.51
CA LYS A 219 8.40 6.72 20.29
C LYS A 219 8.47 7.59 21.55
N ILE A 220 8.29 6.98 22.72
CA ILE A 220 8.26 7.71 24.00
C ILE A 220 9.19 7.08 25.05
N PRO A 221 9.58 7.85 26.10
CA PRO A 221 10.49 7.31 27.14
C PRO A 221 9.89 6.08 27.86
N ARG A 222 10.76 5.16 28.26
CA ARG A 222 10.35 3.89 28.88
C ARG A 222 9.52 4.08 30.15
N GLU A 223 9.87 5.10 30.94
CA GLU A 223 9.12 5.42 32.16
C GLU A 223 7.69 5.85 31.86
N GLU A 224 7.48 6.44 30.69
CA GLU A 224 6.16 6.88 30.27
C GLU A 224 5.30 5.70 29.80
N VAL A 225 5.93 4.74 29.11
CA VAL A 225 5.27 3.48 28.78
C VAL A 225 4.83 2.77 30.06
N GLU A 226 5.73 2.75 31.05
CA GLU A 226 5.45 2.14 32.35
C GLU A 226 4.34 2.89 33.10
N ALA A 227 4.41 4.22 33.06
CA ALA A 227 3.38 5.08 33.61
C ALA A 227 1.99 4.78 33.05
N GLN A 228 1.92 4.62 31.73
CA GLN A 228 0.65 4.33 31.06
C GLN A 228 0.13 2.95 31.41
N LEU A 229 1.04 1.99 31.57
CA LEU A 229 0.68 0.63 31.96
C LEU A 229 0.19 0.59 33.41
N ALA A 230 0.73 1.47 34.25
CA ALA A 230 0.31 1.61 35.64
C ALA A 230 -1.11 2.19 35.74
N VAL A 231 -1.40 3.13 34.83
CA VAL A 231 -2.71 3.79 34.75
C VAL A 231 -3.78 2.77 34.32
N LEU A 232 -3.34 1.73 33.62
CA LEU A 232 -4.18 0.60 33.27
C LEU A 232 -4.45 -0.31 34.48
N GLY A 233 -3.73 -0.10 35.57
CA GLY A 233 -3.91 -0.87 36.80
C GLY A 233 -2.93 -2.02 36.97
N LEU A 234 -1.91 -2.08 36.12
CA LEU A 234 -0.93 -3.16 36.14
C LEU A 234 0.11 -2.96 37.25
N GLU A 235 0.41 -4.05 37.97
CA GLU A 235 1.40 -4.04 39.07
C GLU A 235 2.83 -3.92 38.53
N PRO A 236 3.75 -3.31 39.31
CA PRO A 236 5.14 -3.07 38.89
C PRO A 236 5.93 -4.31 38.45
N THR A 237 5.64 -5.47 39.06
CA THR A 237 6.35 -6.71 38.70
C THR A 237 5.88 -7.26 37.36
N VAL A 238 4.60 -7.03 37.05
CA VAL A 238 4.01 -7.42 35.76
C VAL A 238 4.52 -6.51 34.65
N VAL A 239 4.61 -5.22 34.94
CA VAL A 239 5.14 -4.21 34.02
C VAL A 239 6.59 -4.56 33.63
N ASP A 240 7.36 -5.00 34.62
CA ASP A 240 8.76 -5.36 34.42
C ASP A 240 8.89 -6.59 33.54
N ALA A 241 8.01 -7.57 33.77
CA ALA A 241 7.93 -8.77 32.93
C ALA A 241 7.68 -8.40 31.46
N ILE A 242 6.73 -7.51 31.24
CA ILE A 242 6.43 -6.98 29.91
C ILE A 242 7.63 -6.28 29.27
N THR A 243 8.16 -5.27 29.94
CA THR A 243 9.40 -4.56 29.61
C THR A 243 10.52 -5.51 29.15
N THR A 244 10.82 -6.49 30.00
CA THR A 244 11.91 -7.45 29.79
C THR A 244 11.73 -8.26 28.49
N THR A 245 10.55 -8.83 28.29
CA THR A 245 10.30 -9.66 27.10
C THR A 245 10.45 -8.89 25.79
N LEU A 246 10.13 -7.60 25.80
CA LEU A 246 10.27 -6.76 24.61
C LEU A 246 11.73 -6.56 24.18
N SER A 247 12.67 -6.75 25.11
CA SER A 247 14.08 -6.46 24.84
C SER A 247 14.95 -7.72 24.62
N LEU A 248 14.31 -8.89 24.60
CA LEU A 248 15.04 -10.12 24.31
C LEU A 248 15.38 -10.17 22.81
N LYS A 249 16.66 -10.36 22.49
CA LYS A 249 17.17 -10.14 21.13
C LYS A 249 17.09 -11.36 20.20
N SER A 250 16.81 -12.53 20.75
CA SER A 250 16.77 -13.78 19.97
C SER A 250 15.52 -14.59 20.26
N ILE A 251 15.12 -15.43 19.31
CA ILE A 251 14.06 -16.42 19.52
C ILE A 251 14.47 -17.46 20.57
N ASP A 252 15.75 -17.83 20.57
CA ASP A 252 16.27 -18.74 21.59
C ASP A 252 16.03 -18.16 22.98
N GLU A 253 16.12 -16.83 23.09
CA GLU A 253 15.89 -16.16 24.37
C GLU A 253 14.40 -16.16 24.74
N ILE A 254 13.51 -16.04 23.75
CA ILE A 254 12.06 -16.15 24.04
C ILE A 254 11.70 -17.60 24.41
N ALA A 255 12.46 -18.56 23.88
CA ALA A 255 12.27 -19.98 24.19
C ALA A 255 12.56 -20.27 25.65
N GLN A 256 13.52 -19.54 26.21
CA GLN A 256 13.89 -19.65 27.61
C GLN A 256 12.77 -19.17 28.53
N ARG A 257 12.17 -18.03 28.19
CA ARG A 257 11.11 -17.43 28.98
C ARG A 257 9.78 -18.19 28.96
N VAL A 258 9.27 -18.48 27.76
CA VAL A 258 7.90 -19.02 27.64
C VAL A 258 7.80 -20.51 27.29
N GLY A 259 8.95 -21.16 27.07
CA GLY A 259 9.01 -22.58 26.75
C GLY A 259 9.41 -22.80 25.30
N GLU A 260 10.22 -23.82 25.06
CA GLU A 260 10.75 -24.07 23.71
C GLU A 260 9.71 -24.57 22.70
N GLU A 261 8.65 -25.23 23.20
CA GLU A 261 7.59 -25.70 22.33
C GLU A 261 6.33 -24.82 22.38
N HIS A 262 6.45 -23.66 23.04
CA HIS A 262 5.41 -22.63 23.02
C HIS A 262 5.06 -22.35 21.55
N GLU A 263 3.78 -22.15 21.27
CA GLU A 263 3.32 -22.10 19.89
C GLU A 263 3.90 -20.91 19.08
N ALA A 264 4.24 -19.83 19.77
CA ALA A 264 4.92 -18.70 19.13
C ALA A 264 6.31 -19.11 18.64
N VAL A 265 6.99 -19.95 19.41
CA VAL A 265 8.34 -20.37 19.05
C VAL A 265 8.29 -21.25 17.81
N LYS A 266 7.40 -22.23 17.81
CA LYS A 266 7.24 -23.11 16.66
C LYS A 266 6.84 -22.33 15.40
N GLU A 267 5.94 -21.37 15.58
CA GLU A 267 5.42 -20.59 14.46
C GLU A 267 6.47 -19.64 13.90
N LEU A 268 7.23 -18.98 14.78
CA LEU A 268 8.32 -18.13 14.30
C LEU A 268 9.40 -18.95 13.59
N ARG A 269 9.82 -20.08 14.16
CA ARG A 269 10.81 -20.92 13.50
C ARG A 269 10.34 -21.33 12.11
N GLN A 270 9.08 -21.80 12.03
CA GLN A 270 8.49 -22.19 10.76
C GLN A 270 8.41 -21.01 9.79
N PHE A 271 8.00 -19.86 10.30
CA PHE A 271 7.96 -18.64 9.49
C PHE A 271 9.33 -18.35 8.88
N PHE A 272 10.39 -18.39 9.69
CA PHE A 272 11.71 -18.06 9.18
C PHE A 272 12.25 -19.07 8.17
N GLU A 273 12.05 -20.35 8.47
CA GLU A 273 12.50 -21.39 7.55
C GLU A 273 11.75 -21.36 6.20
N GLN A 274 10.47 -20.97 6.22
CA GLN A 274 9.67 -20.87 4.99
C GLN A 274 10.10 -19.64 4.19
N VAL A 275 10.24 -18.49 4.85
CA VAL A 275 10.78 -17.31 4.14
C VAL A 275 12.18 -17.59 3.55
N GLU A 276 13.03 -18.30 4.32
CA GLU A 276 14.37 -18.66 3.83
CA GLU A 276 14.36 -18.62 3.82
C GLU A 276 14.28 -19.50 2.57
N ALA A 277 13.39 -20.50 2.59
CA ALA A 277 13.20 -21.41 1.45
C ALA A 277 12.74 -20.67 0.20
N TYR A 278 11.91 -19.63 0.39
CA TYR A 278 11.41 -18.83 -0.71
C TYR A 278 12.50 -17.94 -1.29
N GLY A 279 13.50 -17.64 -0.46
CA GLY A 279 14.69 -16.93 -0.92
C GLY A 279 14.80 -15.51 -0.43
N TYR A 280 13.96 -15.13 0.54
CA TYR A 280 14.04 -13.79 1.14
C TYR A 280 14.61 -13.77 2.57
N GLY A 281 15.47 -14.74 2.90
CA GLY A 281 16.08 -14.80 4.24
C GLY A 281 16.80 -13.52 4.65
N ASP A 282 17.46 -12.87 3.70
CA ASP A 282 18.21 -11.63 3.98
C ASP A 282 17.29 -10.43 4.26
N TRP A 283 16.01 -10.53 3.92
CA TRP A 283 15.06 -9.41 4.10
C TRP A 283 14.42 -9.38 5.47
N VAL A 284 14.43 -10.52 6.18
CA VAL A 284 13.59 -10.65 7.39
C VAL A 284 14.43 -10.89 8.64
N LEU A 285 13.89 -10.49 9.80
CA LEU A 285 14.62 -10.71 11.07
C LEU A 285 13.65 -10.70 12.23
N PHE A 286 14.08 -11.29 13.34
CA PHE A 286 13.28 -11.28 14.56
C PHE A 286 13.51 -10.00 15.37
N ASP A 287 12.43 -9.45 15.91
CA ASP A 287 12.52 -8.31 16.82
C ASP A 287 11.38 -8.39 17.82
N ALA A 288 11.74 -8.72 19.07
CA ALA A 288 10.77 -8.91 20.15
C ALA A 288 10.00 -7.65 20.54
N SER A 289 10.49 -6.49 20.12
CA SER A 289 9.82 -5.22 20.44
C SER A 289 8.66 -4.86 19.51
N VAL A 290 8.51 -5.59 18.39
CA VAL A 290 7.47 -5.29 17.42
C VAL A 290 6.12 -5.86 17.87
N VAL A 291 5.14 -4.98 18.09
CA VAL A 291 3.80 -5.44 18.49
C VAL A 291 2.70 -4.87 17.59
N ARG A 292 2.97 -3.72 16.97
CA ARG A 292 2.01 -2.96 16.15
C ARG A 292 0.97 -2.30 17.03
N GLY A 293 0.24 -1.34 16.48
CA GLY A 293 -0.59 -0.45 17.27
C GLY A 293 -2.09 -0.74 17.22
N LEU A 294 -2.46 -1.80 16.52
CA LEU A 294 -3.86 -2.20 16.36
C LEU A 294 -4.28 -3.25 17.37
N ALA A 295 -5.52 -3.14 17.85
CA ALA A 295 -6.06 -4.03 18.89
C ALA A 295 -6.15 -5.47 18.44
N TYR A 296 -6.44 -5.69 17.15
CA TYR A 296 -6.91 -7.00 16.72
C TYR A 296 -5.86 -8.06 16.34
N TYR A 297 -4.59 -7.71 16.36
CA TYR A 297 -3.56 -8.73 16.04
C TYR A 297 -3.49 -9.75 17.17
N THR A 298 -3.43 -11.03 16.79
CA THR A 298 -3.46 -12.14 17.75
C THR A 298 -2.20 -13.02 17.68
N GLY A 299 -1.53 -12.99 16.53
CA GLY A 299 -0.39 -13.87 16.29
C GLY A 299 0.85 -13.12 15.83
N ILE A 300 1.49 -13.64 14.79
CA ILE A 300 2.63 -12.98 14.19
C ILE A 300 2.30 -11.55 13.75
N VAL A 301 3.23 -10.64 13.98
CA VAL A 301 3.08 -9.26 13.54
C VAL A 301 4.41 -8.87 12.89
N PHE A 302 4.36 -7.88 12.01
CA PHE A 302 5.55 -7.49 11.24
C PHE A 302 5.50 -6.05 10.78
N GLU A 303 6.69 -5.52 10.51
CA GLU A 303 6.87 -4.12 10.20
C GLU A 303 8.04 -3.97 9.24
N GLY A 304 7.81 -3.27 8.14
CA GLY A 304 8.87 -2.96 7.17
C GLY A 304 9.64 -1.74 7.63
N PHE A 305 10.95 -1.74 7.46
CA PHE A 305 11.78 -0.61 7.92
C PHE A 305 12.96 -0.35 6.99
N ASP A 306 13.46 0.89 6.97
CA ASP A 306 14.69 1.19 6.24
C ASP A 306 15.91 0.94 7.11
N ARG A 307 16.92 0.31 6.52
CA ARG A 307 18.11 -0.10 7.27
C ARG A 307 19.04 1.05 7.68
N GLU A 308 18.73 2.28 7.27
CA GLU A 308 19.54 3.43 7.71
C GLU A 308 18.91 4.10 8.94
N GLY A 309 17.74 3.62 9.35
CA GLY A 309 17.02 4.14 10.51
C GLY A 309 16.60 5.59 10.32
N LYS A 310 16.26 5.96 9.09
CA LYS A 310 15.90 7.34 8.80
C LYS A 310 14.40 7.62 8.65
N PHE A 311 13.59 6.59 8.37
CA PHE A 311 12.15 6.78 8.10
C PHE A 311 11.25 6.00 9.06
N ARG A 312 9.97 6.40 9.12
CA ARG A 312 8.93 5.64 9.82
C ARG A 312 8.68 4.28 9.15
N ALA A 313 7.80 3.47 9.74
CA ALA A 313 7.46 2.15 9.17
C ALA A 313 7.05 2.23 7.71
N LEU A 314 7.56 1.29 6.91
CA LEU A 314 7.24 1.26 5.49
C LEU A 314 5.92 0.55 5.25
N CYS A 315 5.62 -0.39 6.14
CA CYS A 315 4.42 -1.24 6.02
C CYS A 315 4.27 -2.01 7.32
N GLY A 316 3.12 -2.66 7.52
CA GLY A 316 2.92 -3.33 8.78
C GLY A 316 1.66 -4.15 8.74
N GLY A 317 1.67 -5.28 9.43
CA GLY A 317 0.49 -6.14 9.49
C GLY A 317 0.66 -7.27 10.47
N GLY A 318 -0.17 -8.30 10.32
CA GLY A 318 -0.08 -9.42 11.22
C GLY A 318 -1.33 -10.27 11.09
N ARG A 319 -1.37 -11.33 11.91
CA ARG A 319 -2.49 -12.23 12.00
C ARG A 319 -3.55 -11.68 12.94
N TYR A 320 -4.81 -11.83 12.58
CA TYR A 320 -5.93 -11.35 13.41
C TYR A 320 -7.08 -12.38 13.37
N ASP A 321 -6.97 -13.42 14.19
CA ASP A 321 -7.84 -14.60 14.09
C ASP A 321 -9.22 -14.42 14.70
N ASN A 322 -9.38 -13.38 15.52
CA ASN A 322 -10.61 -13.20 16.30
C ASN A 322 -11.56 -12.14 15.74
N LEU A 323 -11.07 -11.27 14.87
CA LEU A 323 -11.85 -10.10 14.41
C LEU A 323 -13.21 -10.48 13.83
N LEU A 324 -13.25 -11.50 12.97
CA LEU A 324 -14.50 -11.92 12.34
CA LEU A 324 -14.51 -11.90 12.35
C LEU A 324 -15.50 -12.47 13.37
N THR A 325 -15.00 -13.18 14.38
CA THR A 325 -15.85 -13.63 15.50
C THR A 325 -16.45 -12.43 16.23
N THR A 326 -15.58 -11.44 16.48
CA THR A 326 -15.94 -10.16 17.08
C THR A 326 -17.10 -9.50 16.33
N TYR A 327 -17.08 -9.62 15.01
CA TYR A 327 -18.10 -9.02 14.15
C TYR A 327 -19.36 -9.86 14.00
N GLY A 328 -19.34 -11.06 14.58
CA GLY A 328 -20.56 -11.87 14.63
C GLY A 328 -20.55 -13.12 13.77
N SER A 329 -19.40 -13.42 13.17
CA SER A 329 -19.24 -14.68 12.44
C SER A 329 -19.61 -15.84 13.37
N PRO A 330 -20.46 -16.77 12.89
CA PRO A 330 -20.88 -17.89 13.73
C PRO A 330 -19.69 -18.81 14.05
N THR A 331 -18.73 -18.89 13.12
CA THR A 331 -17.54 -19.73 13.26
C THR A 331 -16.25 -18.90 13.06
N PRO A 332 -15.18 -19.23 13.80
CA PRO A 332 -13.95 -18.43 13.69
C PRO A 332 -13.34 -18.49 12.29
N ILE A 333 -12.87 -17.35 11.79
CA ILE A 333 -12.21 -17.31 10.48
C ILE A 333 -10.82 -16.69 10.63
N PRO A 334 -9.75 -17.51 10.50
CA PRO A 334 -8.39 -16.97 10.61
C PRO A 334 -8.08 -16.01 9.46
N CYS A 335 -7.30 -14.97 9.76
CA CYS A 335 -7.01 -13.94 8.78
C CYS A 335 -5.63 -13.40 9.09
N ALA A 336 -4.96 -12.91 8.08
CA ALA A 336 -3.71 -12.17 8.25
C ALA A 336 -3.56 -11.25 7.09
N GLY A 337 -2.80 -10.16 7.27
CA GLY A 337 -2.76 -9.18 6.21
C GLY A 337 -1.82 -8.07 6.59
N PHE A 338 -1.63 -7.13 5.68
CA PHE A 338 -0.83 -5.93 5.95
C PHE A 338 -1.36 -4.70 5.22
N GLY A 339 -0.92 -3.53 5.68
CA GLY A 339 -1.13 -2.31 4.93
C GLY A 339 0.25 -1.77 4.59
N PHE A 340 0.36 -1.11 3.45
CA PHE A 340 1.63 -0.60 2.93
C PHE A 340 1.26 0.79 2.41
N GLY A 341 1.66 1.82 3.15
CA GLY A 341 1.31 3.22 2.82
C GLY A 341 2.01 3.81 1.62
N ASP A 342 1.46 4.88 1.05
CA ASP A 342 2.05 5.47 -0.14
C ASP A 342 3.04 6.59 0.14
N CYS A 343 3.15 7.02 1.40
N CYS A 343 3.12 7.03 1.40
CA CYS A 343 3.95 8.21 1.70
CA CYS A 343 3.93 8.20 1.75
C CYS A 343 5.39 7.93 2.13
C CYS A 343 5.38 7.86 2.06
N VAL A 344 5.58 7.01 3.08
CA VAL A 344 6.94 6.70 3.55
C VAL A 344 7.78 6.10 2.41
N ILE A 345 7.24 5.08 1.75
CA ILE A 345 7.93 4.44 0.64
C ILE A 345 8.43 5.43 -0.44
N VAL A 346 7.63 6.46 -0.74
CA VAL A 346 7.99 7.43 -1.75
C VAL A 346 9.17 8.30 -1.28
N GLU A 347 9.17 8.64 0.00
CA GLU A 347 10.25 9.42 0.61
C GLU A 347 11.54 8.62 0.56
N LEU A 348 11.43 7.32 0.85
CA LEU A 348 12.59 6.44 0.80
C LEU A 348 13.11 6.29 -0.63
N LEU A 349 12.23 5.96 -1.58
CA LEU A 349 12.64 5.83 -2.98
C LEU A 349 13.29 7.11 -3.51
N GLN A 350 12.73 8.26 -3.13
CA GLN A 350 13.30 9.54 -3.54
C GLN A 350 14.67 9.71 -2.94
N GLU A 351 14.85 9.34 -1.68
CA GLU A 351 16.18 9.43 -1.09
C GLU A 351 17.17 8.54 -1.86
N LYS A 352 16.74 7.33 -2.25
CA LYS A 352 17.61 6.40 -2.97
C LYS A 352 17.71 6.66 -4.47
N ARG A 353 17.11 7.77 -4.92
CA ARG A 353 17.07 8.16 -6.35
C ARG A 353 16.41 7.11 -7.26
N LEU A 354 15.37 6.48 -6.75
CA LEU A 354 14.64 5.44 -7.46
C LEU A 354 13.29 5.92 -8.00
N LEU A 355 13.05 7.22 -7.96
CA LEU A 355 11.83 7.78 -8.54
C LEU A 355 12.13 8.96 -9.45
N PRO A 356 12.96 8.74 -10.50
CA PRO A 356 13.17 9.85 -11.43
C PRO A 356 11.87 10.18 -12.14
N ASP A 357 11.67 11.46 -12.47
CA ASP A 357 10.52 11.82 -13.30
C ASP A 357 10.64 11.04 -14.60
N ILE A 358 9.53 10.48 -15.07
CA ILE A 358 9.51 9.87 -16.39
C ILE A 358 8.51 10.67 -17.19
N PRO A 359 9.01 11.59 -18.03
CA PRO A 359 8.13 12.49 -18.78
C PRO A 359 7.10 11.75 -19.59
N HIS A 360 5.99 12.44 -19.86
CA HIS A 360 4.94 11.94 -20.73
C HIS A 360 5.49 11.67 -22.15
N VAL A 361 5.00 10.61 -22.78
CA VAL A 361 5.37 10.30 -24.17
C VAL A 361 4.11 9.99 -24.95
N VAL A 362 4.20 10.04 -26.27
CA VAL A 362 3.13 9.57 -27.11
C VAL A 362 3.85 9.09 -28.36
N ASP A 363 3.29 8.09 -29.04
CA ASP A 363 3.94 7.54 -30.24
C ASP A 363 4.02 8.54 -31.39
N ASP A 364 2.88 9.14 -31.74
CA ASP A 364 2.79 9.98 -32.93
C ASP A 364 2.14 11.33 -32.63
N VAL A 365 2.67 12.39 -33.25
CA VAL A 365 1.93 13.65 -33.41
C VAL A 365 1.67 13.88 -34.89
N VAL A 366 0.37 13.95 -35.21
CA VAL A 366 -0.07 14.21 -36.59
C VAL A 366 -0.19 15.71 -36.77
N ILE A 367 0.48 16.22 -37.80
CA ILE A 367 0.58 17.65 -38.08
C ILE A 367 -0.05 17.97 -39.44
N PRO A 368 -1.20 18.65 -39.43
CA PRO A 368 -1.76 19.11 -40.70
C PRO A 368 -0.80 20.17 -41.22
N PHE A 369 -0.50 20.14 -42.51
CA PHE A 369 0.37 21.16 -43.11
C PHE A 369 -0.29 22.54 -42.99
N ASP A 370 -1.60 22.56 -43.16
CA ASP A 370 -2.45 23.75 -42.96
C ASP A 370 -3.84 23.23 -42.67
N GLU A 371 -4.81 24.14 -42.47
CA GLU A 371 -6.14 23.70 -42.04
C GLU A 371 -6.90 22.91 -43.11
N SER A 372 -6.60 23.15 -44.39
CA SER A 372 -7.26 22.37 -45.44
C SER A 372 -6.91 20.88 -45.36
N MET A 373 -5.78 20.56 -44.73
CA MET A 373 -5.32 19.16 -44.58
C MET A 373 -5.91 18.47 -43.36
N ARG A 374 -6.70 19.18 -42.57
CA ARG A 374 -7.19 18.65 -41.32
C ARG A 374 -8.05 17.38 -41.51
N PRO A 375 -8.98 17.37 -42.49
CA PRO A 375 -9.77 16.14 -42.66
C PRO A 375 -8.90 14.91 -42.95
N HIS A 376 -7.87 15.09 -43.77
CA HIS A 376 -6.97 13.99 -44.11
C HIS A 376 -6.12 13.57 -42.90
N ALA A 377 -5.63 14.56 -42.16
CA ALA A 377 -4.86 14.32 -40.93
C ALA A 377 -5.69 13.53 -39.91
N LEU A 378 -6.99 13.78 -39.87
CA LEU A 378 -7.88 13.04 -38.98
C LEU A 378 -8.03 11.58 -39.38
N ALA A 379 -8.08 11.31 -40.68
CA ALA A 379 -8.17 9.94 -41.16
C ALA A 379 -6.87 9.21 -40.81
N VAL A 380 -5.76 9.93 -40.88
CA VAL A 380 -4.43 9.41 -40.53
C VAL A 380 -4.35 9.11 -39.02
N LEU A 381 -4.88 10.03 -38.21
CA LEU A 381 -4.92 9.86 -36.78
C LEU A 381 -5.73 8.61 -36.42
N ARG A 382 -6.90 8.46 -37.06
CA ARG A 382 -7.70 7.24 -36.87
C ARG A 382 -6.90 5.95 -37.17
N ARG A 383 -6.25 5.93 -38.33
CA ARG A 383 -5.44 4.79 -38.77
C ARG A 383 -4.38 4.42 -37.73
N LEU A 384 -3.67 5.43 -37.21
CA LEU A 384 -2.64 5.20 -36.21
C LEU A 384 -3.19 4.61 -34.92
N ARG A 385 -4.27 5.22 -34.42
CA ARG A 385 -4.88 4.75 -33.18
C ARG A 385 -5.50 3.36 -33.34
N ASP A 386 -6.11 3.09 -34.50
CA ASP A 386 -6.67 1.77 -34.79
C ASP A 386 -5.59 0.69 -34.71
N ALA A 387 -4.34 1.09 -34.99
CA ALA A 387 -3.21 0.14 -34.98
C ALA A 387 -2.58 -0.02 -33.58
N GLY A 388 -3.19 0.56 -32.56
CA GLY A 388 -2.69 0.45 -31.18
C GLY A 388 -1.70 1.53 -30.77
N ARG A 389 -1.49 2.51 -31.63
CA ARG A 389 -0.58 3.58 -31.28
C ARG A 389 -1.27 4.63 -30.41
N SER A 390 -0.46 5.35 -29.65
CA SER A 390 -0.95 6.52 -28.93
C SER A 390 -0.59 7.71 -29.79
N ALA A 391 -1.56 8.59 -30.05
CA ALA A 391 -1.31 9.67 -31.00
C ALA A 391 -2.14 10.90 -30.68
N ASP A 392 -1.50 12.05 -30.91
CA ASP A 392 -2.12 13.36 -30.84
C ASP A 392 -2.26 13.91 -32.25
N ILE A 393 -3.21 14.81 -32.45
CA ILE A 393 -3.22 15.71 -33.60
C ILE A 393 -3.09 17.16 -33.11
N ILE A 394 -2.47 18.01 -33.91
CA ILE A 394 -2.48 19.43 -33.60
C ILE A 394 -3.92 19.93 -33.65
N LEU A 395 -4.38 20.56 -32.57
CA LEU A 395 -5.78 20.90 -32.47
C LEU A 395 -6.08 22.30 -32.99
N ASP A 396 -5.43 23.32 -32.47
CA ASP A 396 -5.62 24.69 -32.97
C ASP A 396 -4.79 24.89 -34.24
N LYS A 397 -5.05 25.97 -34.96
CA LYS A 397 -4.27 26.30 -36.13
C LYS A 397 -2.88 26.65 -35.63
N LYS A 398 -1.84 26.03 -36.19
CA LYS A 398 -0.49 26.56 -36.00
C LYS A 398 0.50 26.21 -37.09
N LYS A 399 1.54 27.02 -37.19
CA LYS A 399 2.57 26.79 -38.17
C LYS A 399 3.31 25.49 -37.88
N VAL A 400 3.79 24.87 -38.95
CA VAL A 400 4.54 23.61 -38.87
C VAL A 400 5.68 23.69 -37.83
N VAL A 401 6.46 24.77 -37.81
CA VAL A 401 7.52 24.89 -36.82
C VAL A 401 7.00 24.86 -35.36
N GLN A 402 5.89 25.53 -35.09
CA GLN A 402 5.24 25.46 -33.77
C GLN A 402 4.70 24.05 -33.49
N ALA A 403 4.23 23.38 -34.53
CA ALA A 403 3.72 22.02 -34.38
C ALA A 403 4.84 21.05 -33.97
N PHE A 404 6.05 21.25 -34.50
CA PHE A 404 7.21 20.43 -34.10
C PHE A 404 7.66 20.70 -32.67
N ASN A 405 7.51 21.96 -32.25
CA ASN A 405 7.75 22.34 -30.89
C ASN A 405 6.83 21.60 -29.93
N TYR A 406 5.53 21.63 -30.25
CA TYR A 406 4.55 20.85 -29.49
C TYR A 406 4.91 19.37 -29.44
N ALA A 407 5.26 18.79 -30.59
CA ALA A 407 5.66 17.37 -30.66
C ALA A 407 6.82 17.06 -29.71
N ASP A 408 7.80 17.96 -29.63
CA ASP A 408 8.89 17.78 -28.70
C ASP A 408 8.38 17.87 -27.26
N ARG A 409 7.53 18.87 -27.00
CA ARG A 409 7.00 19.12 -25.68
C ARG A 409 6.28 17.89 -25.13
N VAL A 410 5.45 17.28 -25.98
CA VAL A 410 4.62 16.17 -25.53
C VAL A 410 5.35 14.84 -25.55
N GLY A 411 6.60 14.86 -26.00
CA GLY A 411 7.44 13.67 -26.03
C GLY A 411 7.06 12.67 -27.13
N ALA A 412 6.75 13.17 -28.33
CA ALA A 412 6.40 12.30 -29.45
C ALA A 412 7.64 11.58 -29.99
N VAL A 413 7.47 10.31 -30.32
CA VAL A 413 8.50 9.52 -30.97
C VAL A 413 8.57 9.88 -32.47
N ARG A 414 7.44 10.25 -33.05
CA ARG A 414 7.33 10.45 -34.48
C ARG A 414 6.43 11.64 -34.76
N ALA A 415 6.80 12.47 -35.72
CA ALA A 415 5.88 13.47 -36.25
C ALA A 415 5.43 12.99 -37.62
N VAL A 416 4.12 13.07 -37.86
CA VAL A 416 3.53 12.67 -39.13
C VAL A 416 2.93 13.91 -39.76
N LEU A 417 3.62 14.44 -40.77
CA LEU A 417 3.20 15.67 -41.41
C LEU A 417 2.32 15.32 -42.60
N VAL A 418 1.11 15.88 -42.61
CA VAL A 418 0.14 15.60 -43.65
C VAL A 418 0.05 16.81 -44.58
N ALA A 419 0.77 16.73 -45.72
CA ALA A 419 0.89 17.83 -46.66
C ALA A 419 0.24 17.49 -48.01
N PRO A 420 -0.19 18.52 -48.79
CA PRO A 420 -0.90 18.34 -50.07
C PRO A 420 -0.20 17.48 -51.15
N GLU A 421 1.07 17.76 -51.44
CA GLU A 421 1.83 17.02 -52.47
C GLU A 421 1.86 15.52 -52.16
N GLU A 422 2.31 15.17 -50.96
CA GLU A 422 2.38 13.79 -50.50
C GLU A 422 1.01 13.14 -50.52
N TRP A 423 -0.01 13.85 -50.04
CA TRP A 423 -1.36 13.28 -49.95
C TRP A 423 -1.83 12.83 -51.33
N GLU A 424 -1.53 13.63 -52.34
CA GLU A 424 -1.86 13.29 -53.72
C GLU A 424 -1.22 11.98 -54.16
N ARG A 425 -0.06 11.65 -53.59
CA ARG A 425 0.70 10.45 -53.96
C ARG A 425 0.33 9.27 -53.06
N GLY A 426 -0.68 9.46 -52.21
CA GLY A 426 -1.10 8.44 -51.26
C GLY A 426 -0.09 8.27 -50.13
N GLU A 427 0.61 9.37 -49.80
CA GLU A 427 1.68 9.37 -48.79
C GLU A 427 1.56 10.48 -47.72
N VAL A 428 2.31 10.29 -46.62
CA VAL A 428 2.54 11.34 -45.63
C VAL A 428 4.04 11.46 -45.37
N GLN A 429 4.47 12.50 -44.67
CA GLN A 429 5.87 12.68 -44.30
C GLN A 429 6.09 12.28 -42.86
N VAL A 430 7.04 11.38 -42.63
CA VAL A 430 7.31 10.91 -41.28
C VAL A 430 8.71 11.34 -40.85
N LYS A 431 8.80 11.95 -39.66
CA LYS A 431 10.11 12.31 -39.09
C LYS A 431 10.27 11.63 -37.75
N MET A 432 11.36 10.87 -37.60
CA MET A 432 11.68 10.28 -36.31
C MET A 432 12.26 11.38 -35.43
N LEU A 433 11.74 11.49 -34.20
CA LEU A 433 12.17 12.57 -33.32
C LEU A 433 13.11 12.10 -32.22
N ARG A 446 14.80 13.39 -40.59
CA ARG A 446 14.81 14.49 -41.57
C ARG A 446 13.57 14.49 -42.48
N GLY A 447 12.51 13.78 -42.07
CA GLY A 447 11.23 13.77 -42.79
C GLY A 447 11.26 13.04 -44.12
N PHE A 448 10.56 11.91 -44.19
CA PHE A 448 10.56 11.07 -45.41
C PHE A 448 9.14 10.66 -45.79
N ALA A 449 8.84 10.69 -47.07
CA ALA A 449 7.52 10.31 -47.56
C ALA A 449 7.33 8.81 -47.42
N VAL A 450 6.19 8.41 -46.87
CA VAL A 450 5.87 7.00 -46.61
C VAL A 450 4.43 6.77 -47.07
N PRO A 451 4.16 5.66 -47.78
CA PRO A 451 2.77 5.37 -48.12
C PRO A 451 1.91 5.19 -46.86
N LEU A 452 0.68 5.71 -46.90
CA LEU A 452 -0.26 5.61 -45.77
C LEU A 452 -0.24 4.22 -45.10
N ASP A 453 -0.38 3.18 -45.92
CA ASP A 453 -0.42 1.79 -45.45
C ASP A 453 0.78 1.36 -44.60
N ARG A 454 1.94 2.00 -44.83
CA ARG A 454 3.19 1.59 -44.19
C ARG A 454 3.49 2.41 -42.94
N LEU A 455 2.54 3.24 -42.56
CA LEU A 455 2.64 4.03 -41.36
C LEU A 455 2.64 3.15 -40.12
N VAL A 456 1.87 2.06 -40.18
CA VAL A 456 1.63 1.21 -39.01
C VAL A 456 2.15 -0.21 -39.15
#